data_4F0H
#
_entry.id   4F0H
#
_cell.length_a   136.440
_cell.length_b   136.440
_cell.length_c   121.670
_cell.angle_alpha   90.00
_cell.angle_beta   90.00
_cell.angle_gamma   90.00
#
_symmetry.space_group_name_H-M   'I 4 2 2'
#
loop_
_entity.id
_entity.type
_entity.pdbx_description
1 polymer 'Ribulose bisphosphate carboxylase large chain'
2 polymer 'Ribulose bisphosphate carboxylase small chain'
3 non-polymer 'OXYGEN MOLECULE'
4 non-polymer 'PHOSPHATE ION'
5 water water
#
loop_
_entity_poly.entity_id
_entity_poly.type
_entity_poly.pdbx_seq_one_letter_code
_entity_poly.pdbx_strand_id
1 'polypeptide(L)'
;MSQSLEEKSVQERTRIKNSRYESGVIPYAKMGYWNPDYQVKDTDVLALFRVTPQPGVDPIEAAAAVAGESSTATWTVVWT
DLLTAADLYRAKAYKVDQVPNNPEQYFAYIAYELDLFEEGSIANLTASIIGNVFGFKAVKALRLEDMRLPFAYIKTFQGP
ATGVILERERLDKFGRPLLG(SNC)TTKPKLGLSGKNYGRVVYEALKGGLDFVKDDENINSQPFMRWRERYLFVMEAVNK
AAAATGEVKGHYLNVTAATMEEMYARAQLAKELGSVIIMIDLVIGYTAIQTMAKWARDNDMILHLHRAGNSTYSRQKNHG
MNFRVICKWMRMAGVDHIHAGTVVGKLEGDPIITRGFYKTLLLPKLERNLQEGLFFDMDWASLRKVMPVASGGIHAGQMH
QLIHYLGEDVVLQFGGGTIGHPDGIQSGATANRVALEAMILARNENRDFLTEGPEILREAAKN(SNC)GALRTALDLWKD
ITFNYTSTDTSDFVETPTANI
;
A
2 'polypeptide(L)'
;MRITQGTFSFLPDLTDEQIKKQIDYMISKKLAIGIEYTNDIHPRNSFWEMWGLPLFEVTDPAPVLFEINACRKAKSNFYI
KVVGFSSERGIESTIISFIVNRPKHEPGFNLIRQEDKSRSIKYSIQAYETYKPEDQRY
;
B
#
loop_
_chem_comp.id
_chem_comp.type
_chem_comp.name
_chem_comp.formula
OXY non-polymer 'OXYGEN MOLECULE' O2
PO4 non-polymer 'PHOSPHATE ION' 'O4 P -3'
#
# COMPACT_ATOMS: atom_id res chain seq x y z
N PRO A 27 45.06 -4.14 4.58
CA PRO A 27 45.15 -4.37 6.03
C PRO A 27 44.06 -3.60 6.83
N TYR A 28 42.78 -3.93 6.60
CA TYR A 28 41.68 -3.13 7.13
C TYR A 28 41.44 -3.20 8.61
N ALA A 29 41.52 -4.40 9.18
CA ALA A 29 41.29 -4.53 10.61
C ALA A 29 42.31 -3.70 11.44
N LYS A 30 43.53 -3.54 10.91
CA LYS A 30 44.56 -2.73 11.58
C LYS A 30 44.51 -1.23 11.22
N MET A 31 43.72 -0.86 10.21
CA MET A 31 43.64 0.52 9.72
C MET A 31 42.56 1.37 10.44
N GLY A 32 41.88 0.77 11.42
CA GLY A 32 40.81 1.45 12.18
C GLY A 32 39.38 1.06 11.79
N TYR A 33 39.22 0.14 10.85
CA TYR A 33 37.86 -0.12 10.34
C TYR A 33 37.16 -1.21 11.09
N TRP A 34 37.87 -1.88 12.00
CA TRP A 34 37.25 -2.85 12.89
C TRP A 34 37.38 -2.29 14.30
N ASN A 35 36.25 -2.20 15.00
CA ASN A 35 36.23 -1.70 16.37
C ASN A 35 35.11 -2.34 17.19
N PRO A 36 35.39 -3.48 17.81
CA PRO A 36 34.32 -4.14 18.53
C PRO A 36 33.98 -3.32 19.72
N ASP A 37 34.75 -2.27 19.97
CA ASP A 37 34.40 -1.47 21.15
C ASP A 37 33.51 -0.29 20.82
N TYR A 38 33.56 0.14 19.56
CA TYR A 38 32.78 1.28 19.12
C TYR A 38 31.41 1.33 19.76
N GLN A 39 31.03 2.49 20.25
CA GLN A 39 29.69 2.68 20.84
C GLN A 39 28.69 3.32 19.86
N VAL A 40 27.63 2.60 19.50
CA VAL A 40 26.77 3.17 18.45
C VAL A 40 25.96 4.34 19.00
N LYS A 41 25.83 5.41 18.19
CA LYS A 41 25.09 6.58 18.61
C LYS A 41 23.69 6.55 18.00
N ASP A 42 22.77 7.32 18.55
CA ASP A 42 21.41 7.40 18.06
C ASP A 42 21.35 8.06 16.70
N THR A 43 22.38 8.80 16.34
CA THR A 43 22.40 9.46 15.06
C THR A 43 23.06 8.60 13.97
N ASP A 44 23.61 7.44 14.32
CA ASP A 44 24.46 6.72 13.34
C ASP A 44 23.51 5.99 12.37
N VAL A 45 23.87 5.94 11.08
CA VAL A 45 23.24 5.03 10.12
C VAL A 45 23.90 3.62 10.28
N LEU A 46 23.11 2.56 10.41
CA LEU A 46 23.74 1.28 10.66
C LEU A 46 23.27 0.36 9.56
N ALA A 47 24.19 -0.44 9.06
CA ALA A 47 23.89 -1.41 8.02
C ALA A 47 24.21 -2.83 8.53
N LEU A 48 23.39 -3.80 8.14
CA LEU A 48 23.58 -5.22 8.39
C LEU A 48 23.80 -5.97 7.06
N PHE A 49 24.99 -6.50 6.88
CA PHE A 49 25.37 -7.14 5.61
C PHE A 49 25.48 -8.59 5.89
N ARG A 50 25.05 -9.41 4.94
CA ARG A 50 25.27 -10.81 5.03
C ARG A 50 26.52 -11.07 4.20
N VAL A 51 27.57 -11.52 4.85
CA VAL A 51 28.92 -11.58 4.24
C VAL A 51 29.43 -13.00 4.02
N THR A 52 29.90 -13.27 2.81
CA THR A 52 30.50 -14.57 2.49
C THR A 52 31.94 -14.38 2.06
N PRO A 53 32.85 -14.52 3.03
CA PRO A 53 34.27 -14.30 2.79
C PRO A 53 34.87 -15.30 1.75
N GLN A 54 36.01 -14.91 1.19
CA GLN A 54 36.74 -15.73 0.26
C GLN A 54 37.36 -16.84 1.11
N PRO A 55 37.46 -18.08 0.56
CA PRO A 55 37.84 -19.30 1.29
C PRO A 55 38.87 -19.11 2.38
N GLY A 56 39.90 -18.32 2.11
CA GLY A 56 40.93 -18.12 3.11
C GLY A 56 40.72 -17.01 4.12
N VAL A 57 39.98 -15.97 3.75
CA VAL A 57 39.96 -14.73 4.54
C VAL A 57 39.10 -14.77 5.80
N ASP A 58 39.59 -14.12 6.85
CA ASP A 58 38.99 -14.15 8.17
C ASP A 58 37.72 -13.28 8.20
N PRO A 59 36.71 -13.72 8.94
CA PRO A 59 35.46 -12.96 9.09
C PRO A 59 35.65 -11.49 9.46
N ILE A 60 36.37 -11.24 10.55
CA ILE A 60 36.71 -9.87 10.92
C ILE A 60 37.41 -9.09 9.80
N GLU A 61 38.27 -9.77 9.04
CA GLU A 61 38.94 -9.05 7.96
C GLU A 61 37.97 -8.72 6.83
N ALA A 62 37.07 -9.65 6.56
CA ALA A 62 35.97 -9.45 5.59
C ALA A 62 35.08 -8.25 5.99
N ALA A 63 34.67 -8.24 7.24
CA ALA A 63 33.82 -7.20 7.76
C ALA A 63 34.50 -5.83 7.62
N ALA A 64 35.71 -5.74 8.16
CA ALA A 64 36.49 -4.50 8.07
C ALA A 64 36.69 -4.06 6.60
N ALA A 65 36.92 -5.02 5.71
CA ALA A 65 37.08 -4.68 4.32
C ALA A 65 35.82 -3.98 3.75
N VAL A 66 34.65 -4.49 4.10
CA VAL A 66 33.40 -3.91 3.63
C VAL A 66 33.22 -2.49 4.18
N ALA A 67 33.57 -2.27 5.44
CA ALA A 67 33.50 -0.92 6.06
C ALA A 67 34.41 0.03 5.37
N GLY A 68 35.68 -0.37 5.28
CA GLY A 68 36.77 0.37 4.65
C GLY A 68 36.45 0.69 3.22
N GLU A 69 36.09 -0.32 2.45
CA GLU A 69 35.88 -0.13 1.00
C GLU A 69 34.74 0.79 0.63
N SER A 70 33.82 0.97 1.59
CA SER A 70 32.69 1.88 1.33
C SER A 70 32.83 3.21 2.08
N SER A 71 33.97 3.48 2.70
CA SER A 71 34.13 4.76 3.40
C SER A 71 35.39 5.43 2.93
N THR A 72 36.46 5.33 3.69
CA THR A 72 37.71 5.93 3.30
C THR A 72 38.67 4.80 2.98
N ALA A 73 38.56 4.30 1.75
CA ALA A 73 39.22 3.05 1.36
C ALA A 73 40.46 3.27 0.50
N THR A 74 41.48 4.00 0.98
CA THR A 74 42.66 4.23 0.09
C THR A 74 43.74 3.19 0.35
N TRP A 75 44.44 2.79 -0.71
CA TRP A 75 45.35 1.61 -0.65
C TRP A 75 46.85 1.85 -0.31
N THR A 76 47.31 3.12 -0.34
CA THR A 76 48.58 3.54 0.27
C THR A 76 48.25 4.50 1.45
N VAL A 77 49.26 5.14 2.04
CA VAL A 77 49.03 6.21 3.01
C VAL A 77 48.84 7.55 2.25
N VAL A 78 47.89 8.38 2.71
CA VAL A 78 47.70 9.71 2.13
C VAL A 78 47.80 10.77 3.27
N TRP A 79 48.59 11.82 3.06
CA TRP A 79 48.78 12.89 4.07
C TRP A 79 47.62 13.89 4.10
N THR A 80 46.85 13.87 3.01
CA THR A 80 45.70 14.77 2.91
C THR A 80 44.58 14.39 3.93
N ASP A 81 44.54 13.12 4.35
CA ASP A 81 43.66 12.68 5.47
C ASP A 81 43.81 13.52 6.72
N LEU A 82 45.06 13.83 7.06
CA LEU A 82 45.35 14.62 8.22
C LEU A 82 44.89 16.05 8.17
N LEU A 83 44.50 16.57 7.01
CA LEU A 83 43.83 17.90 7.00
C LEU A 83 42.34 17.84 7.37
N THR A 84 41.85 16.65 7.74
CA THR A 84 40.43 16.47 8.10
C THR A 84 40.31 15.73 9.43
N ALA A 85 39.09 15.67 10.01
CA ALA A 85 38.86 14.87 11.21
C ALA A 85 38.68 13.42 10.80
N ALA A 86 39.79 12.74 10.43
CA ALA A 86 39.70 11.54 9.57
C ALA A 86 38.82 10.40 10.11
N ASP A 87 38.81 10.23 11.43
CA ASP A 87 38.08 9.16 12.02
C ASP A 87 36.57 9.24 11.76
N LEU A 88 36.04 10.45 11.65
CA LEU A 88 34.59 10.68 11.49
C LEU A 88 34.14 10.05 10.18
N TYR A 89 35.01 10.11 9.17
CA TYR A 89 34.55 9.67 7.83
C TYR A 89 34.80 8.19 7.55
N ARG A 90 35.29 7.47 8.55
CA ARG A 90 35.50 6.04 8.47
C ARG A 90 34.29 5.27 8.94
N ALA A 91 33.72 4.40 8.11
CA ALA A 91 32.75 3.46 8.61
C ALA A 91 33.44 2.50 9.60
N LYS A 92 32.69 1.94 10.53
CA LYS A 92 33.28 1.07 11.53
C LYS A 92 32.53 -0.23 11.59
N ALA A 93 33.22 -1.33 11.33
CA ALA A 93 32.65 -2.64 11.54
C ALA A 93 32.77 -2.89 13.03
N TYR A 94 31.64 -3.05 13.72
CA TYR A 94 31.67 -3.17 15.18
C TYR A 94 31.12 -4.49 15.80
N LYS A 95 30.58 -5.39 14.99
CA LYS A 95 30.16 -6.70 15.47
C LYS A 95 30.05 -7.66 14.33
N VAL A 96 30.56 -8.90 14.49
CA VAL A 96 30.31 -9.97 13.51
C VAL A 96 29.71 -11.20 14.16
N ASP A 97 28.65 -11.78 13.60
CA ASP A 97 28.19 -13.09 14.05
C ASP A 97 28.06 -14.03 12.89
N GLN A 98 28.40 -15.29 13.12
CA GLN A 98 28.22 -16.35 12.13
C GLN A 98 26.71 -16.60 11.98
N VAL A 99 26.18 -16.85 10.78
CA VAL A 99 24.72 -16.93 10.69
C VAL A 99 24.29 -18.30 11.14
N PRO A 100 23.27 -18.34 12.00
CA PRO A 100 22.58 -19.51 12.53
C PRO A 100 22.87 -20.78 11.76
N ASN A 101 22.35 -20.93 10.56
CA ASN A 101 22.58 -22.26 10.02
C ASN A 101 23.63 -22.43 8.97
N ASN A 102 24.32 -21.38 8.62
CA ASN A 102 25.30 -21.53 7.57
C ASN A 102 26.67 -21.04 7.99
N PRO A 103 27.54 -21.98 8.40
CA PRO A 103 28.88 -21.71 8.91
C PRO A 103 29.69 -20.81 8.00
N GLU A 104 29.47 -20.87 6.69
CA GLU A 104 30.27 -20.02 5.78
C GLU A 104 29.82 -18.55 5.60
N GLN A 105 28.82 -18.13 6.40
CA GLN A 105 28.26 -16.77 6.32
C GLN A 105 28.29 -16.08 7.65
N TYR A 106 28.51 -14.76 7.61
CA TYR A 106 28.58 -13.92 8.80
C TYR A 106 27.66 -12.72 8.60
N PHE A 107 27.10 -12.25 9.69
CA PHE A 107 26.35 -11.00 9.74
C PHE A 107 27.28 -9.93 10.24
N ALA A 108 27.51 -8.91 9.39
CA ALA A 108 28.41 -7.86 9.79
C ALA A 108 27.67 -6.52 10.04
N TYR A 109 27.92 -5.94 11.22
CA TYR A 109 27.25 -4.71 11.59
C TYR A 109 28.22 -3.57 11.42
N ILE A 110 27.81 -2.58 10.64
CA ILE A 110 28.65 -1.42 10.31
C ILE A 110 27.91 -0.12 10.63
N ALA A 111 28.65 0.85 11.13
CA ALA A 111 28.09 2.14 11.55
C ALA A 111 28.70 3.23 10.69
N TYR A 112 27.90 4.20 10.27
CA TYR A 112 28.35 5.38 9.50
C TYR A 112 27.83 6.62 10.21
N GLU A 113 28.71 7.58 10.37
CA GLU A 113 28.37 8.90 10.90
C GLU A 113 27.27 9.61 10.13
N LEU A 114 26.32 10.21 10.84
CA LEU A 114 25.23 10.90 10.13
C LEU A 114 25.77 11.95 9.13
N ASP A 115 26.87 12.59 9.45
CA ASP A 115 27.42 13.68 8.61
C ASP A 115 27.93 13.26 7.24
N LEU A 116 28.11 11.96 7.04
CA LEU A 116 28.51 11.49 5.75
C LEU A 116 27.39 11.70 4.70
N PHE A 117 26.14 11.95 5.09
CA PHE A 117 25.07 11.84 4.08
C PHE A 117 24.39 13.14 3.76
N GLU A 118 23.92 13.24 2.51
CA GLU A 118 23.08 14.45 2.14
C GLU A 118 21.68 14.26 2.69
N GLU A 119 21.17 15.28 3.40
CA GLU A 119 19.82 15.24 3.92
C GLU A 119 18.83 14.97 2.76
N GLY A 120 17.85 14.08 2.96
CA GLY A 120 16.73 13.90 2.01
C GLY A 120 17.12 13.23 0.70
N SER A 121 18.31 12.68 0.63
CA SER A 121 18.76 12.10 -0.63
C SER A 121 18.91 10.62 -0.63
N ILE A 122 18.03 9.91 -1.36
CA ILE A 122 18.16 8.47 -1.47
C ILE A 122 19.39 8.10 -2.32
N ALA A 123 19.65 8.89 -3.36
CA ALA A 123 20.77 8.57 -4.23
C ALA A 123 22.04 8.67 -3.40
N ASN A 124 22.19 9.75 -2.63
CA ASN A 124 23.41 9.76 -1.78
C ASN A 124 23.51 8.59 -0.79
N LEU A 125 22.43 8.27 -0.09
CA LEU A 125 22.43 7.13 0.86
C LEU A 125 22.84 5.82 0.15
N THR A 126 22.26 5.62 -1.02
CA THR A 126 22.51 4.44 -1.79
C THR A 126 23.98 4.30 -2.27
N ALA A 127 24.45 5.32 -3.00
CA ALA A 127 25.84 5.44 -3.38
C ALA A 127 26.76 5.08 -2.20
N SER A 128 26.51 5.72 -1.07
CA SER A 128 27.40 5.66 0.06
C SER A 128 27.42 4.25 0.63
N ILE A 129 26.28 3.56 0.65
CA ILE A 129 26.18 2.28 1.32
C ILE A 129 26.52 1.11 0.41
N ILE A 130 26.02 1.11 -0.81
CA ILE A 130 26.16 -0.07 -1.64
C ILE A 130 27.12 0.13 -2.78
N GLY A 131 27.89 1.23 -2.70
CA GLY A 131 28.80 1.65 -3.75
C GLY A 131 29.75 0.60 -4.32
N ASN A 132 30.86 0.36 -3.64
CA ASN A 132 31.94 -0.43 -4.22
C ASN A 132 31.90 -1.87 -3.84
N VAL A 133 31.44 -2.06 -2.61
CA VAL A 133 31.71 -3.27 -1.83
C VAL A 133 31.16 -4.62 -2.41
N PHE A 134 30.15 -4.56 -3.31
CA PHE A 134 29.58 -5.76 -3.95
C PHE A 134 30.48 -6.38 -5.01
N GLY A 135 31.34 -5.55 -5.61
CA GLY A 135 32.38 -6.02 -6.53
C GLY A 135 33.73 -6.35 -5.90
N PHE A 136 33.84 -6.26 -4.56
CA PHE A 136 35.14 -6.49 -3.90
C PHE A 136 35.54 -7.99 -3.81
N LYS A 137 36.81 -8.36 -3.98
CA LYS A 137 37.26 -9.74 -4.21
C LYS A 137 37.45 -10.58 -2.95
N ALA A 138 37.75 -9.89 -1.89
CA ALA A 138 38.03 -10.69 -0.66
C ALA A 138 36.75 -11.24 0.01
N VAL A 139 35.61 -10.96 -0.64
CA VAL A 139 34.32 -11.51 -0.31
C VAL A 139 33.80 -12.24 -1.54
N LYS A 140 33.31 -13.45 -1.31
CA LYS A 140 32.69 -14.18 -2.39
C LYS A 140 31.31 -13.60 -2.75
N ALA A 141 30.58 -13.16 -1.74
CA ALA A 141 29.19 -12.80 -1.93
C ALA A 141 28.84 -11.88 -0.79
N LEU A 142 27.81 -11.08 -1.01
CA LEU A 142 27.50 -9.97 -0.11
C LEU A 142 26.06 -9.51 -0.32
N ARG A 143 25.31 -9.43 0.77
CA ARG A 143 23.91 -9.05 0.65
C ARG A 143 23.61 -8.10 1.77
N LEU A 144 23.13 -6.91 1.44
CA LEU A 144 22.62 -5.93 2.45
C LEU A 144 21.28 -6.38 2.92
N GLU A 145 21.12 -6.59 4.23
CA GLU A 145 19.89 -7.27 4.75
C GLU A 145 18.96 -6.30 5.45
N ASP A 146 19.51 -5.36 6.21
CA ASP A 146 18.69 -4.39 6.89
C ASP A 146 19.53 -3.14 7.14
N MET A 147 18.87 -2.05 7.51
CA MET A 147 19.57 -0.81 7.86
C MET A 147 18.82 -0.17 8.98
N ARG A 148 19.51 0.48 9.92
CA ARG A 148 18.88 1.30 10.91
C ARG A 148 19.07 2.75 10.44
N LEU A 149 18.00 3.37 9.97
CA LEU A 149 18.05 4.80 9.63
C LEU A 149 17.79 5.58 10.87
N PRO A 150 18.70 6.45 11.28
CA PRO A 150 18.45 7.13 12.57
C PRO A 150 17.31 8.17 12.45
N PHE A 151 16.68 8.49 13.58
CA PHE A 151 15.50 9.36 13.60
C PHE A 151 15.85 10.69 12.90
N ALA A 152 17.02 11.27 13.22
CA ALA A 152 17.34 12.62 12.77
C ALA A 152 17.50 12.65 11.22
N TYR A 153 18.07 11.60 10.62
CA TYR A 153 18.08 11.44 9.18
C TYR A 153 16.68 11.23 8.58
N ILE A 154 15.88 10.33 9.17
CA ILE A 154 14.52 10.07 8.65
C ILE A 154 13.68 11.35 8.56
N LYS A 155 13.86 12.20 9.57
CA LYS A 155 13.13 13.46 9.69
C LYS A 155 13.45 14.42 8.53
N THR A 156 14.54 14.18 7.76
CA THR A 156 14.81 15.10 6.61
C THR A 156 14.12 14.67 5.32
N PHE A 157 13.32 13.59 5.37
CA PHE A 157 12.62 13.08 4.17
C PHE A 157 11.17 13.39 4.27
N GLN A 158 10.51 13.51 3.13
CA GLN A 158 9.10 13.84 3.13
C GLN A 158 8.25 12.67 3.61
N GLY A 159 8.66 11.45 3.30
CA GLY A 159 7.78 10.28 3.52
C GLY A 159 6.54 10.36 2.60
N PRO A 160 5.58 9.39 2.69
CA PRO A 160 4.56 9.23 1.67
C PRO A 160 3.78 10.47 1.32
N ALA A 161 3.68 10.75 0.02
CA ALA A 161 2.95 11.90 -0.44
C ALA A 161 1.57 11.98 0.24
N THR A 162 0.88 10.85 0.34
CA THR A 162 -0.44 10.77 0.85
C THR A 162 -0.47 9.94 2.14
N GLY A 163 -0.10 8.67 2.02
CA GLY A 163 -0.10 7.81 3.21
C GLY A 163 -1.44 7.14 3.42
N VAL A 164 -1.43 6.01 4.13
CA VAL A 164 -2.66 5.18 4.23
C VAL A 164 -3.84 5.96 4.79
N ILE A 165 -3.60 6.72 5.85
CA ILE A 165 -4.67 7.39 6.57
C ILE A 165 -5.41 8.43 5.68
N LEU A 166 -4.68 9.35 5.07
CA LEU A 166 -5.31 10.27 4.17
C LEU A 166 -5.88 9.60 2.94
N GLU A 167 -5.21 8.55 2.45
CA GLU A 167 -5.72 7.87 1.31
C GLU A 167 -7.11 7.38 1.63
N ARG A 168 -7.30 6.84 2.81
CA ARG A 168 -8.64 6.27 3.07
C ARG A 168 -9.65 7.38 3.29
N GLU A 169 -9.22 8.49 3.91
CA GLU A 169 -10.12 9.63 4.02
C GLU A 169 -10.47 10.16 2.64
N ARG A 170 -9.53 10.19 1.69
CA ARG A 170 -9.88 10.66 0.35
C ARG A 170 -10.91 9.74 -0.35
N LEU A 171 -10.74 8.43 -0.18
CA LEU A 171 -11.61 7.48 -0.83
C LEU A 171 -12.87 7.23 -0.05
N ASP A 172 -12.88 7.62 1.24
CA ASP A 172 -14.00 7.27 2.15
C ASP A 172 -14.17 5.75 2.18
N LYS A 173 -13.07 5.03 2.34
CA LYS A 173 -13.16 3.57 2.36
C LYS A 173 -12.37 3.06 3.57
N PHE A 174 -13.07 2.48 4.56
CA PHE A 174 -12.35 2.22 5.79
C PHE A 174 -12.61 0.78 6.23
N GLY A 175 -11.71 0.24 7.04
CA GLY A 175 -11.91 -1.06 7.66
C GLY A 175 -11.82 -2.29 6.80
N ARG A 176 -11.27 -2.17 5.60
CA ARG A 176 -11.15 -3.32 4.72
C ARG A 176 -10.04 -3.10 3.74
N PRO A 177 -9.47 -4.19 3.23
CA PRO A 177 -8.52 -3.99 2.12
C PRO A 177 -9.19 -3.30 0.94
N LEU A 178 -8.37 -2.76 0.03
CA LEU A 178 -8.96 -2.18 -1.20
C LEU A 178 -8.69 -3.20 -2.31
N LEU A 179 -9.42 -3.13 -3.41
CA LEU A 179 -9.28 -4.18 -4.42
C LEU A 179 -8.95 -3.60 -5.77
N GLY A 180 -8.04 -4.25 -6.50
CA GLY A 180 -7.72 -3.71 -7.80
C GLY A 180 -7.43 -4.84 -8.75
N SNC A 181 -7.17 -4.53 -10.02
CA SNC A 181 -6.57 -5.51 -10.95
CB SNC A 181 -7.44 -6.65 -11.47
SG SNC A 181 -8.74 -5.95 -12.40
ND SNC A 181 -8.35 -5.61 -13.89
OE SNC A 181 -9.25 -5.16 -14.59
C SNC A 181 -5.98 -4.75 -12.11
O SNC A 181 -6.32 -3.56 -12.32
N THR A 182 -5.06 -5.41 -12.80
CA THR A 182 -4.38 -4.88 -13.95
C THR A 182 -5.17 -5.23 -15.19
N THR A 183 -5.17 -4.32 -16.15
CA THR A 183 -5.94 -4.53 -17.35
C THR A 183 -5.42 -5.72 -18.09
N LYS A 184 -6.33 -6.59 -18.56
CA LYS A 184 -5.92 -7.72 -19.40
C LYS A 184 -6.67 -7.66 -20.73
N PRO A 185 -5.96 -7.90 -21.87
CA PRO A 185 -4.51 -8.01 -22.14
C PRO A 185 -3.78 -6.79 -21.62
N LYS A 186 -2.55 -6.99 -21.13
CA LYS A 186 -1.67 -5.91 -20.68
C LYS A 186 -1.51 -4.86 -21.76
N LEU A 187 -1.33 -5.30 -23.02
CA LEU A 187 -1.12 -4.42 -24.18
C LEU A 187 -2.04 -4.73 -25.42
N GLY A 188 -2.26 -3.73 -26.28
CA GLY A 188 -2.97 -3.99 -27.50
C GLY A 188 -4.35 -3.37 -27.64
N LEU A 189 -5.10 -3.23 -26.54
CA LEU A 189 -6.44 -2.68 -26.74
C LEU A 189 -6.36 -1.21 -27.21
N SER A 190 -7.29 -0.78 -28.08
CA SER A 190 -7.34 0.63 -28.45
C SER A 190 -7.70 1.49 -27.23
N GLY A 191 -7.54 2.81 -27.29
CA GLY A 191 -7.90 3.65 -26.11
C GLY A 191 -9.38 3.45 -25.78
N LYS A 192 -10.20 3.22 -26.80
CA LYS A 192 -11.61 3.06 -26.48
C LYS A 192 -11.93 1.68 -25.90
N ASN A 193 -11.33 0.61 -26.47
CA ASN A 193 -11.50 -0.77 -25.96
C ASN A 193 -10.88 -0.98 -24.56
N TYR A 194 -9.80 -0.24 -24.31
CA TYR A 194 -9.14 -0.18 -23.01
C TYR A 194 -10.04 0.38 -21.90
N GLY A 195 -10.65 1.52 -22.19
CA GLY A 195 -11.59 2.14 -21.33
C GLY A 195 -12.76 1.24 -20.99
N ARG A 196 -13.19 0.40 -21.95
CA ARG A 196 -14.30 -0.57 -21.72
C ARG A 196 -14.01 -1.45 -20.49
N VAL A 197 -12.77 -1.97 -20.41
CA VAL A 197 -12.39 -2.95 -19.39
C VAL A 197 -12.38 -2.17 -18.05
N VAL A 198 -11.89 -0.94 -18.10
CA VAL A 198 -11.78 -0.15 -16.87
C VAL A 198 -13.15 0.03 -16.35
N TYR A 199 -14.10 0.36 -17.26
CA TYR A 199 -15.43 0.70 -16.79
C TYR A 199 -16.10 -0.50 -16.16
N GLU A 200 -16.00 -1.66 -16.84
CA GLU A 200 -16.62 -2.89 -16.36
C GLU A 200 -16.07 -3.29 -15.00
N ALA A 201 -14.74 -3.25 -14.88
CA ALA A 201 -14.12 -3.63 -13.59
C ALA A 201 -14.50 -2.74 -12.40
N LEU A 202 -14.43 -1.43 -12.60
CA LEU A 202 -14.82 -0.52 -11.54
C LEU A 202 -16.27 -0.64 -11.20
N LYS A 203 -17.15 -0.71 -12.20
CA LYS A 203 -18.56 -0.74 -11.90
C LYS A 203 -18.91 -2.07 -11.18
N GLY A 204 -18.20 -3.17 -11.48
CA GLY A 204 -18.46 -4.48 -10.85
C GLY A 204 -18.10 -4.61 -9.38
N GLY A 205 -17.32 -3.64 -8.87
CA GLY A 205 -16.91 -3.60 -7.50
C GLY A 205 -15.43 -3.35 -7.17
N LEU A 206 -14.54 -3.24 -8.15
CA LEU A 206 -13.14 -3.10 -7.82
C LEU A 206 -12.97 -1.65 -7.39
N ASP A 207 -12.07 -1.33 -6.46
CA ASP A 207 -11.81 0.10 -6.11
C ASP A 207 -10.93 0.80 -7.12
N PHE A 208 -10.08 0.02 -7.78
CA PHE A 208 -9.04 0.51 -8.71
C PHE A 208 -8.89 -0.49 -9.82
N VAL A 209 -8.45 0.01 -10.96
CA VAL A 209 -7.95 -0.80 -12.04
C VAL A 209 -6.54 -0.19 -12.28
N LYS A 210 -5.60 -0.90 -12.93
CA LYS A 210 -4.34 -0.21 -13.28
C LYS A 210 -3.75 -0.51 -14.60
N ASP A 211 -2.92 0.44 -15.04
CA ASP A 211 -2.05 0.28 -16.16
C ASP A 211 -1.02 -0.75 -15.80
N ASP A 212 -0.63 -1.53 -16.79
CA ASP A 212 0.48 -2.45 -16.58
C ASP A 212 1.78 -1.63 -16.48
N GLU A 213 2.81 -2.18 -15.83
CA GLU A 213 4.06 -1.45 -15.76
C GLU A 213 4.62 -1.27 -17.16
N ASN A 214 4.25 -2.11 -18.12
CA ASN A 214 4.77 -2.03 -19.52
C ASN A 214 4.00 -1.05 -20.44
N ILE A 215 2.81 -0.62 -20.03
CA ILE A 215 2.09 0.34 -20.88
C ILE A 215 2.48 1.81 -20.55
N ASN A 216 3.18 2.46 -21.48
CA ASN A 216 3.58 3.83 -21.29
C ASN A 216 2.99 4.59 -22.51
N SER A 217 3.65 4.53 -23.67
CA SER A 217 3.12 5.16 -24.89
C SER A 217 3.84 4.43 -26.01
N GLN A 218 3.10 3.77 -26.90
CA GLN A 218 3.68 2.82 -27.85
C GLN A 218 2.91 3.02 -29.15
N PRO A 219 3.47 2.45 -30.23
CA PRO A 219 2.83 2.59 -31.54
C PRO A 219 1.43 2.07 -31.55
N PHE A 220 1.08 1.04 -30.75
CA PHE A 220 -0.31 0.57 -30.83
C PHE A 220 -1.30 1.42 -30.07
N MET A 221 -0.77 2.32 -29.23
CA MET A 221 -1.60 3.15 -28.36
C MET A 221 -0.74 4.24 -27.71
N ARG A 222 -1.01 5.48 -28.05
CA ARG A 222 -0.26 6.55 -27.43
C ARG A 222 -0.90 6.90 -26.10
N TRP A 223 -0.17 7.62 -25.24
CA TRP A 223 -0.64 7.76 -23.90
C TRP A 223 -1.91 8.68 -23.67
N ARG A 224 -2.07 9.74 -24.46
CA ARG A 224 -3.10 10.71 -24.19
C ARG A 224 -4.48 10.12 -24.37
N GLU A 225 -4.72 9.35 -25.43
CA GLU A 225 -6.09 8.82 -25.62
C GLU A 225 -6.39 7.81 -24.54
N ARG A 226 -5.37 7.09 -24.12
CA ARG A 226 -5.63 6.20 -22.96
C ARG A 226 -6.19 6.99 -21.72
N TYR A 227 -5.57 8.12 -21.39
CA TYR A 227 -5.95 8.86 -20.22
C TYR A 227 -7.34 9.41 -20.36
N LEU A 228 -7.65 9.88 -21.56
CA LEU A 228 -8.90 10.55 -21.80
C LEU A 228 -10.05 9.52 -21.76
N PHE A 229 -9.90 8.36 -22.43
CA PHE A 229 -10.94 7.32 -22.34
C PHE A 229 -11.11 6.82 -20.90
N VAL A 230 -9.98 6.55 -20.24
CA VAL A 230 -9.98 6.11 -18.88
C VAL A 230 -10.76 7.02 -17.88
N MET A 231 -10.61 8.33 -17.99
CA MET A 231 -11.30 9.19 -17.05
C MET A 231 -12.82 9.14 -17.31
N GLU A 232 -13.24 9.04 -18.56
CA GLU A 232 -14.67 8.81 -18.83
C GLU A 232 -15.12 7.47 -18.18
N ALA A 233 -14.36 6.40 -18.36
CA ALA A 233 -14.68 5.16 -17.66
C ALA A 233 -14.83 5.35 -16.16
N VAL A 234 -13.88 6.07 -15.54
CA VAL A 234 -13.79 6.20 -14.10
C VAL A 234 -14.95 7.03 -13.54
N ASN A 235 -15.21 8.17 -14.15
CA ASN A 235 -16.38 8.92 -13.76
C ASN A 235 -17.71 8.22 -14.06
N LYS A 236 -17.80 7.47 -15.15
CA LYS A 236 -19.02 6.68 -15.38
C LYS A 236 -19.25 5.71 -14.25
N ALA A 237 -18.21 4.99 -13.84
CA ALA A 237 -18.35 4.02 -12.76
C ALA A 237 -18.67 4.69 -11.39
N ALA A 238 -18.11 5.89 -11.08
CA ALA A 238 -18.47 6.63 -9.85
C ALA A 238 -19.97 6.88 -9.84
N ALA A 239 -20.48 7.33 -10.98
CA ALA A 239 -21.87 7.63 -11.16
C ALA A 239 -22.76 6.38 -11.06
N ALA A 240 -22.21 5.22 -11.43
CA ALA A 240 -22.92 3.93 -11.36
C ALA A 240 -22.93 3.30 -10.00
N THR A 241 -22.01 3.68 -9.11
CA THR A 241 -21.85 2.92 -7.87
C THR A 241 -21.99 3.83 -6.70
N GLY A 242 -21.72 5.14 -6.88
CA GLY A 242 -21.78 6.05 -5.74
C GLY A 242 -20.50 6.03 -4.91
N GLU A 243 -19.40 5.48 -5.46
CA GLU A 243 -18.07 5.46 -4.79
C GLU A 243 -17.03 6.30 -5.53
N VAL A 244 -15.98 6.76 -4.84
CA VAL A 244 -14.81 7.35 -5.51
C VAL A 244 -14.07 6.16 -6.08
N LYS A 245 -13.74 6.21 -7.37
CA LYS A 245 -13.07 5.20 -8.09
C LYS A 245 -11.81 5.81 -8.67
N GLY A 246 -10.88 4.98 -9.11
CA GLY A 246 -9.66 5.45 -9.73
C GLY A 246 -9.01 4.37 -10.60
N HIS A 247 -8.07 4.81 -11.45
CA HIS A 247 -7.31 3.93 -12.33
C HIS A 247 -5.90 4.42 -12.23
N TYR A 248 -4.93 3.55 -11.94
CA TYR A 248 -3.55 4.10 -11.95
C TYR A 248 -3.10 4.32 -13.36
N LEU A 249 -3.05 5.60 -13.75
CA LEU A 249 -2.47 6.00 -15.00
C LEU A 249 -0.95 5.94 -14.88
N ASN A 250 -0.30 5.19 -15.76
CA ASN A 250 1.16 5.06 -15.67
C ASN A 250 1.79 6.26 -16.37
N VAL A 251 2.58 7.00 -15.61
CA VAL A 251 3.21 8.24 -16.11
C VAL A 251 4.72 8.02 -16.45
N THR A 252 5.21 6.78 -16.22
CA THR A 252 6.54 6.38 -16.57
C THR A 252 6.98 6.88 -17.97
N ALA A 253 8.10 7.59 -18.06
CA ALA A 253 8.56 8.04 -19.39
C ALA A 253 10.09 8.18 -19.36
N ALA A 254 10.70 8.46 -20.50
CA ALA A 254 12.15 8.39 -20.63
C ALA A 254 12.84 9.52 -19.89
N THR A 255 12.23 10.71 -19.87
CA THR A 255 12.90 11.85 -19.27
C THR A 255 11.97 12.49 -18.29
N MET A 256 12.49 13.35 -17.43
CA MET A 256 11.63 13.92 -16.37
C MET A 256 10.51 14.85 -16.91
N GLU A 257 10.84 15.64 -17.93
CA GLU A 257 9.89 16.57 -18.52
C GLU A 257 8.72 15.85 -19.16
N GLU A 258 9.02 14.68 -19.76
CA GLU A 258 8.00 13.84 -20.30
C GLU A 258 7.13 13.23 -19.18
N MET A 259 7.75 12.78 -18.07
CA MET A 259 6.93 12.34 -16.94
C MET A 259 6.07 13.45 -16.39
N TYR A 260 6.61 14.67 -16.33
CA TYR A 260 5.81 15.76 -15.78
C TYR A 260 4.57 16.01 -16.66
N ALA A 261 4.75 16.03 -17.99
CA ALA A 261 3.60 16.16 -18.93
C ALA A 261 2.48 15.16 -18.71
N ARG A 262 2.87 13.96 -18.38
CA ARG A 262 1.88 12.91 -18.20
C ARG A 262 1.15 13.08 -16.89
N ALA A 263 1.93 13.35 -15.85
CA ALA A 263 1.46 13.62 -14.48
C ALA A 263 0.47 14.79 -14.53
N GLN A 264 0.89 15.86 -15.21
CA GLN A 264 0.04 17.03 -15.34
C GLN A 264 -1.29 16.74 -15.98
N LEU A 265 -1.33 15.88 -17.01
CA LEU A 265 -2.64 15.55 -17.63
C LEU A 265 -3.53 14.78 -16.62
N ALA A 266 -2.96 13.77 -15.99
CA ALA A 266 -3.71 13.01 -14.99
C ALA A 266 -4.28 14.03 -13.98
N LYS A 267 -3.52 15.04 -13.56
CA LYS A 267 -4.05 15.98 -12.56
C LYS A 267 -5.16 16.88 -13.11
N GLU A 268 -4.90 17.43 -14.28
CA GLU A 268 -5.89 18.16 -15.04
C GLU A 268 -7.19 17.42 -15.22
N LEU A 269 -7.18 16.12 -15.45
CA LEU A 269 -8.44 15.39 -15.70
C LEU A 269 -9.07 14.97 -14.41
N GLY A 270 -8.36 15.17 -13.28
CA GLY A 270 -8.96 14.90 -11.99
C GLY A 270 -8.76 13.48 -11.49
N SER A 271 -7.74 12.79 -11.99
CA SER A 271 -7.48 11.45 -11.50
C SER A 271 -7.06 11.49 -10.04
N VAL A 272 -7.48 10.49 -9.30
CA VAL A 272 -7.22 10.40 -7.88
C VAL A 272 -5.79 9.80 -7.69
N ILE A 273 -5.30 9.17 -8.75
CA ILE A 273 -4.12 8.30 -8.60
C ILE A 273 -3.28 8.21 -9.86
N ILE A 274 -1.94 8.19 -9.75
CA ILE A 274 -1.13 7.78 -10.86
C ILE A 274 -0.14 6.68 -10.43
N MET A 275 0.56 6.10 -11.39
CA MET A 275 1.58 5.09 -11.00
C MET A 275 2.89 5.33 -11.70
N ILE A 276 3.97 4.90 -11.08
CA ILE A 276 5.35 4.98 -11.65
C ILE A 276 6.01 3.60 -11.49
N ASP A 277 6.94 3.30 -12.39
CA ASP A 277 7.67 2.02 -12.35
C ASP A 277 8.92 2.35 -11.59
N LEU A 278 9.40 1.40 -10.80
CA LEU A 278 10.62 1.60 -9.97
C LEU A 278 11.84 1.82 -10.88
N VAL A 279 11.83 1.24 -12.06
CA VAL A 279 12.96 1.43 -12.98
C VAL A 279 13.17 2.85 -13.43
N ILE A 280 12.25 3.82 -13.19
CA ILE A 280 12.64 5.21 -13.55
C ILE A 280 13.85 5.63 -12.64
N GLY A 281 14.10 4.90 -11.54
CA GLY A 281 15.25 5.22 -10.66
C GLY A 281 14.93 6.22 -9.57
N TYR A 282 15.84 6.33 -8.59
CA TYR A 282 15.49 6.98 -7.34
C TYR A 282 15.32 8.52 -7.43
N THR A 283 16.11 9.19 -8.24
CA THR A 283 16.00 10.67 -8.30
C THR A 283 14.62 11.02 -8.92
N ALA A 284 14.22 10.28 -9.96
CA ALA A 284 12.91 10.58 -10.58
C ALA A 284 11.76 10.25 -9.61
N ILE A 285 11.91 9.19 -8.80
CA ILE A 285 10.90 8.85 -7.84
C ILE A 285 10.74 9.89 -6.77
N GLN A 286 11.84 10.38 -6.17
CA GLN A 286 11.70 11.49 -5.19
C GLN A 286 11.15 12.74 -5.81
N THR A 287 11.48 13.00 -7.09
CA THR A 287 10.91 14.15 -7.84
C THR A 287 9.40 14.00 -7.92
N MET A 288 8.95 12.81 -8.32
CA MET A 288 7.50 12.59 -8.45
C MET A 288 6.76 12.61 -7.10
N ALA A 289 7.42 12.08 -6.06
CA ALA A 289 6.85 12.03 -4.69
C ALA A 289 6.59 13.45 -4.16
N LYS A 290 7.47 14.38 -4.52
CA LYS A 290 7.24 15.75 -4.14
C LYS A 290 6.04 16.26 -4.95
N TRP A 291 6.10 15.99 -6.22
CA TRP A 291 5.00 16.38 -7.08
C TRP A 291 3.64 15.88 -6.53
N ALA A 292 3.56 14.60 -6.21
CA ALA A 292 2.30 14.05 -5.71
C ALA A 292 1.85 14.68 -4.41
N ARG A 293 2.79 14.92 -3.49
CA ARG A 293 2.44 15.67 -2.27
C ARG A 293 1.82 17.06 -2.59
N ASP A 294 2.45 17.78 -3.52
CA ASP A 294 2.00 19.14 -3.85
C ASP A 294 0.79 19.11 -4.73
N ASN A 295 0.39 17.93 -5.21
CA ASN A 295 -0.71 17.96 -6.16
C ASN A 295 -1.86 17.06 -5.80
N ASP A 296 -1.83 16.63 -4.55
CA ASP A 296 -2.94 15.86 -3.98
C ASP A 296 -3.23 14.59 -4.77
N MET A 297 -2.18 13.84 -5.08
N MET A 297 -2.16 13.86 -5.12
CA MET A 297 -2.29 12.71 -5.96
CA MET A 297 -2.28 12.70 -5.97
C MET A 297 -1.75 11.48 -5.24
C MET A 297 -1.76 11.50 -5.21
N ILE A 298 -2.47 10.38 -5.34
CA ILE A 298 -1.90 9.14 -4.77
C ILE A 298 -0.84 8.61 -5.74
N LEU A 299 0.32 8.23 -5.20
CA LEU A 299 1.42 7.73 -6.00
C LEU A 299 1.70 6.25 -5.82
N HIS A 300 1.28 5.41 -6.76
CA HIS A 300 1.56 3.97 -6.67
C HIS A 300 2.91 3.64 -7.32
N LEU A 301 3.80 2.95 -6.58
CA LEU A 301 5.09 2.49 -7.12
C LEU A 301 4.95 1.03 -7.52
N HIS A 302 5.22 0.75 -8.77
CA HIS A 302 5.29 -0.60 -9.26
C HIS A 302 6.73 -1.14 -9.18
N ARG A 303 6.94 -2.22 -8.44
CA ARG A 303 8.33 -2.61 -8.20
C ARG A 303 9.04 -3.39 -9.34
N ALA A 304 8.52 -3.33 -10.59
CA ALA A 304 9.17 -4.02 -11.77
C ALA A 304 10.72 -4.00 -11.76
N GLY A 305 11.34 -5.18 -11.85
CA GLY A 305 12.82 -5.34 -11.88
C GLY A 305 13.52 -5.68 -10.55
N ASN A 306 12.85 -5.39 -9.44
CA ASN A 306 13.38 -5.59 -8.09
C ASN A 306 14.04 -6.98 -7.79
N SER A 307 13.45 -8.08 -8.32
CA SER A 307 13.97 -9.46 -8.13
C SER A 307 15.39 -9.74 -8.63
N THR A 308 15.90 -8.91 -9.55
CA THR A 308 17.28 -9.14 -10.04
C THR A 308 18.32 -9.04 -8.87
N TYR A 309 18.03 -8.26 -7.82
CA TYR A 309 18.97 -8.16 -6.68
C TYR A 309 18.35 -8.58 -5.32
N SER A 310 17.02 -8.76 -5.26
CA SER A 310 16.38 -9.04 -3.95
C SER A 310 16.03 -10.51 -3.79
N ARG A 311 16.21 -11.30 -4.86
CA ARG A 311 15.82 -12.71 -4.85
C ARG A 311 16.81 -13.73 -4.23
N GLN A 312 18.08 -13.71 -4.64
CA GLN A 312 19.03 -14.71 -4.13
C GLN A 312 19.36 -14.39 -2.71
N LYS A 313 19.46 -15.41 -1.87
CA LYS A 313 19.70 -15.21 -0.44
C LYS A 313 21.15 -14.82 -0.03
N ASN A 314 22.11 -14.89 -0.96
CA ASN A 314 23.56 -14.76 -0.67
C ASN A 314 24.17 -13.45 -1.25
N HIS A 315 23.52 -12.88 -2.26
CA HIS A 315 24.05 -11.66 -2.87
C HIS A 315 22.98 -10.58 -3.15
N GLY A 316 23.36 -9.30 -3.17
CA GLY A 316 22.41 -8.22 -3.49
C GLY A 316 21.84 -7.40 -2.34
N MET A 317 20.56 -7.03 -2.43
N MET A 317 20.55 -7.11 -2.40
CA MET A 317 19.87 -6.30 -1.35
CA MET A 317 19.88 -6.35 -1.36
C MET A 317 18.52 -6.92 -1.01
C MET A 317 18.52 -6.93 -1.02
N ASN A 318 18.25 -7.14 0.26
CA ASN A 318 16.94 -7.60 0.66
C ASN A 318 15.85 -6.59 0.43
N PHE A 319 14.67 -7.10 0.13
CA PHE A 319 13.59 -6.20 -0.28
C PHE A 319 13.18 -5.26 0.89
N ARG A 320 13.41 -5.65 2.15
CA ARG A 320 12.98 -4.79 3.26
C ARG A 320 13.71 -3.44 3.30
N VAL A 321 14.98 -3.45 2.92
CA VAL A 321 15.78 -2.27 2.75
C VAL A 321 15.16 -1.37 1.62
N ILE A 322 14.68 -1.97 0.52
CA ILE A 322 13.96 -1.18 -0.52
C ILE A 322 12.71 -0.53 0.11
N CYS A 323 11.99 -1.28 0.94
CA CYS A 323 10.77 -0.76 1.59
C CYS A 323 11.06 0.42 2.49
N LYS A 324 12.14 0.34 3.25
CA LYS A 324 12.58 1.49 3.96
C LYS A 324 12.87 2.70 3.05
N TRP A 325 13.66 2.50 1.99
CA TRP A 325 14.06 3.62 1.19
C TRP A 325 12.87 4.26 0.51
N MET A 326 11.89 3.43 0.14
CA MET A 326 10.73 3.93 -0.63
C MET A 326 9.69 4.58 0.24
N ARG A 327 9.55 4.12 1.48
CA ARG A 327 8.75 4.88 2.42
C ARG A 327 9.35 6.26 2.72
N MET A 328 10.68 6.36 2.77
N MET A 328 10.67 6.37 2.78
CA MET A 328 11.33 7.63 3.01
CA MET A 328 11.31 7.66 3.01
C MET A 328 11.08 8.55 1.80
C MET A 328 11.10 8.57 1.80
N ALA A 329 11.31 8.00 0.61
CA ALA A 329 11.20 8.77 -0.62
C ALA A 329 9.77 9.30 -0.85
N GLY A 330 8.77 8.50 -0.51
CA GLY A 330 7.43 9.00 -0.36
C GLY A 330 6.38 8.48 -1.35
N VAL A 331 6.52 7.23 -1.75
CA VAL A 331 5.49 6.53 -2.57
C VAL A 331 4.39 6.13 -1.62
N ASP A 332 3.18 5.98 -2.13
CA ASP A 332 2.01 5.66 -1.32
C ASP A 332 1.65 4.18 -1.28
N HIS A 333 1.95 3.41 -2.33
CA HIS A 333 1.64 1.96 -2.41
C HIS A 333 2.92 1.36 -2.94
N ILE A 334 3.21 0.11 -2.58
CA ILE A 334 4.30 -0.61 -3.20
C ILE A 334 3.91 -2.10 -3.14
N HIS A 335 4.11 -2.85 -4.23
CA HIS A 335 3.92 -4.31 -4.22
C HIS A 335 4.79 -4.95 -3.09
N ALA A 336 4.20 -5.63 -2.12
CA ALA A 336 5.01 -6.14 -1.00
C ALA A 336 5.02 -7.66 -0.80
N GLY A 337 4.35 -8.41 -1.67
CA GLY A 337 4.27 -9.86 -1.47
C GLY A 337 2.92 -10.41 -1.06
N THR A 338 2.64 -11.61 -1.55
CA THR A 338 1.47 -12.40 -1.19
C THR A 338 2.02 -13.62 -0.50
N VAL A 339 1.32 -14.16 0.47
CA VAL A 339 1.97 -15.27 1.10
C VAL A 339 1.68 -16.56 0.31
N VAL A 340 0.48 -16.60 -0.27
CA VAL A 340 -0.04 -17.73 -1.06
C VAL A 340 -0.13 -17.36 -2.54
N GLY A 341 -0.01 -18.33 -3.44
CA GLY A 341 -0.06 -18.03 -4.88
C GLY A 341 1.26 -18.14 -5.64
N LYS A 342 1.39 -17.42 -6.76
CA LYS A 342 2.60 -17.48 -7.60
C LYS A 342 3.89 -16.94 -6.94
N LEU A 343 3.85 -16.80 -5.62
CA LEU A 343 5.00 -16.26 -4.90
C LEU A 343 4.93 -16.71 -3.45
N GLU A 344 4.70 -18.00 -3.23
CA GLU A 344 4.36 -18.49 -1.88
C GLU A 344 5.43 -18.19 -0.80
N GLY A 345 6.21 -17.12 -0.99
CA GLY A 345 7.29 -16.74 -0.06
C GLY A 345 7.00 -16.86 1.44
N ASP A 346 8.05 -16.79 2.26
CA ASP A 346 7.91 -17.00 3.69
C ASP A 346 6.93 -16.03 4.31
N PRO A 347 5.98 -16.57 5.08
CA PRO A 347 4.96 -15.72 5.69
C PRO A 347 5.55 -14.73 6.74
N ILE A 348 6.52 -15.21 7.50
CA ILE A 348 7.15 -14.44 8.59
C ILE A 348 8.04 -13.29 8.07
N ILE A 349 8.79 -13.56 6.99
CA ILE A 349 9.56 -12.54 6.24
C ILE A 349 8.64 -11.52 5.58
N THR A 350 7.57 -11.98 4.89
CA THR A 350 6.60 -11.04 4.34
C THR A 350 6.03 -10.15 5.43
N ARG A 351 5.61 -10.73 6.54
CA ARG A 351 5.11 -9.93 7.66
C ARG A 351 6.08 -8.81 8.01
N GLY A 352 7.38 -9.14 8.02
CA GLY A 352 8.42 -8.14 8.24
C GLY A 352 8.34 -6.99 7.27
N PHE A 353 8.15 -7.29 5.98
CA PHE A 353 7.94 -6.22 4.97
C PHE A 353 6.76 -5.33 5.28
N TYR A 354 5.60 -5.94 5.56
CA TYR A 354 4.41 -5.16 5.90
C TYR A 354 4.63 -4.29 7.13
N LYS A 355 5.31 -4.85 8.15
CA LYS A 355 5.65 -4.02 9.33
C LYS A 355 6.45 -2.74 8.95
N THR A 356 7.53 -2.90 8.21
CA THR A 356 8.34 -1.80 7.74
C THR A 356 7.51 -0.75 7.09
N LEU A 357 6.58 -1.23 6.26
CA LEU A 357 5.77 -0.32 5.50
C LEU A 357 4.77 0.43 6.38
N LEU A 358 4.22 -0.28 7.37
CA LEU A 358 3.00 0.21 8.07
C LEU A 358 3.14 0.67 9.52
N LEU A 359 4.12 0.17 10.26
CA LEU A 359 4.22 0.51 11.69
C LEU A 359 4.91 1.86 11.91
N PRO A 360 4.62 2.53 13.05
CA PRO A 360 5.30 3.73 13.59
C PRO A 360 6.73 3.42 14.11
N LYS A 361 6.98 2.16 14.46
CA LYS A 361 8.17 1.72 15.13
C LYS A 361 8.35 0.27 14.77
N LEU A 362 9.60 -0.13 14.58
CA LEU A 362 9.96 -1.50 14.31
C LEU A 362 10.73 -2.07 15.51
N GLU A 363 10.42 -3.31 15.85
CA GLU A 363 11.15 -3.96 16.91
C GLU A 363 11.93 -5.02 16.24
N ARG A 364 13.16 -5.20 16.72
CA ARG A 364 14.04 -6.19 16.19
C ARG A 364 13.39 -7.55 16.36
N ASN A 365 13.37 -8.36 15.34
CA ASN A 365 12.84 -9.69 15.47
C ASN A 365 13.54 -10.44 14.42
N LEU A 366 14.48 -11.28 14.84
CA LEU A 366 15.31 -12.02 13.93
C LEU A 366 14.54 -12.90 12.94
N GLN A 367 13.41 -13.47 13.31
CA GLN A 367 12.72 -14.36 12.37
C GLN A 367 12.08 -13.62 11.21
N GLU A 368 11.63 -12.42 11.51
CA GLU A 368 11.09 -11.56 10.50
C GLU A 368 12.21 -10.96 9.65
N GLY A 369 13.45 -11.01 10.11
CA GLY A 369 14.54 -10.43 9.34
C GLY A 369 14.69 -8.94 9.66
N LEU A 370 14.12 -8.53 10.78
CA LEU A 370 14.33 -7.13 11.26
C LEU A 370 15.39 -7.13 12.33
N PHE A 371 16.57 -6.68 11.96
CA PHE A 371 17.75 -6.76 12.81
C PHE A 371 17.96 -5.59 13.72
N PHE A 372 17.19 -4.50 13.53
CA PHE A 372 17.35 -3.31 14.36
C PHE A 372 16.02 -2.80 14.78
N ASP A 373 15.91 -2.28 16.00
CA ASP A 373 14.77 -1.41 16.31
C ASP A 373 14.90 -0.18 15.46
N MET A 374 13.79 0.48 15.16
CA MET A 374 13.82 1.65 14.30
C MET A 374 12.55 2.41 14.50
N ASP A 375 12.66 3.70 14.76
CA ASP A 375 11.49 4.58 14.97
C ASP A 375 11.33 5.29 13.64
N TRP A 376 10.09 5.37 13.13
CA TRP A 376 9.80 5.97 11.82
C TRP A 376 9.56 7.47 11.84
N ALA A 377 9.66 8.05 13.02
CA ALA A 377 9.64 9.49 13.23
C ALA A 377 8.41 10.08 12.62
N SER A 378 7.27 9.40 12.84
CA SER A 378 5.96 9.83 12.42
C SER A 378 5.89 10.06 10.90
N LEU A 379 6.77 9.48 10.11
CA LEU A 379 6.50 9.45 8.64
C LEU A 379 5.19 8.67 8.38
N ARG A 380 4.43 9.12 7.40
CA ARG A 380 3.23 8.38 6.96
C ARG A 380 3.48 6.92 6.58
N LYS A 381 2.44 6.12 6.63
CA LYS A 381 2.43 4.71 6.16
C LYS A 381 2.26 4.50 4.69
N VAL A 382 2.90 3.46 4.18
CA VAL A 382 2.71 3.10 2.80
C VAL A 382 1.75 1.91 2.69
N MET A 383 0.81 1.96 1.73
CA MET A 383 -0.06 0.82 1.52
C MET A 383 0.61 -0.33 0.77
N PRO A 384 0.75 -1.53 1.40
CA PRO A 384 1.32 -2.68 0.69
C PRO A 384 0.28 -3.14 -0.34
N VAL A 385 0.75 -3.80 -1.39
CA VAL A 385 -0.08 -4.31 -2.48
C VAL A 385 0.35 -5.75 -2.63
N ALA A 386 -0.60 -6.68 -2.59
CA ALA A 386 -0.45 -8.09 -2.92
C ALA A 386 -1.04 -8.38 -4.31
N SER A 387 -0.23 -8.98 -5.20
CA SER A 387 -0.74 -9.51 -6.47
C SER A 387 0.02 -10.77 -6.79
N GLY A 388 -0.39 -11.44 -7.86
CA GLY A 388 0.35 -12.58 -8.39
C GLY A 388 -0.35 -13.90 -8.14
N GLY A 389 -1.25 -14.26 -9.07
CA GLY A 389 -1.99 -15.52 -9.01
C GLY A 389 -2.82 -15.67 -7.74
N ILE A 390 -3.55 -14.63 -7.31
CA ILE A 390 -4.46 -14.77 -6.17
C ILE A 390 -5.92 -14.89 -6.62
N HIS A 391 -6.75 -15.59 -5.84
CA HIS A 391 -8.17 -15.67 -6.17
C HIS A 391 -9.06 -15.58 -4.95
N ALA A 392 -10.36 -15.41 -5.17
CA ALA A 392 -11.29 -15.24 -4.08
C ALA A 392 -11.27 -16.45 -3.18
N GLY A 393 -10.96 -17.62 -3.73
CA GLY A 393 -10.97 -18.84 -2.92
C GLY A 393 -9.94 -18.84 -1.79
N GLN A 394 -9.02 -17.86 -1.75
CA GLN A 394 -7.95 -17.73 -0.70
C GLN A 394 -8.21 -16.60 0.31
N MET A 395 -9.36 -15.96 0.20
CA MET A 395 -9.60 -14.75 0.94
C MET A 395 -9.24 -14.90 2.42
N HIS A 396 -9.52 -16.07 3.00
CA HIS A 396 -9.30 -16.23 4.43
C HIS A 396 -7.83 -16.29 4.80
N GLN A 397 -6.99 -16.79 3.90
CA GLN A 397 -5.55 -16.73 4.16
C GLN A 397 -4.97 -15.39 3.91
N LEU A 398 -5.52 -14.74 2.90
CA LEU A 398 -5.08 -13.40 2.50
C LEU A 398 -5.32 -12.48 3.67
N ILE A 399 -6.53 -12.46 4.22
CA ILE A 399 -6.85 -11.58 5.33
C ILE A 399 -5.99 -11.95 6.55
N HIS A 400 -5.91 -13.24 6.77
CA HIS A 400 -5.13 -13.72 7.90
C HIS A 400 -3.66 -13.28 7.77
N TYR A 401 -3.02 -13.54 6.64
CA TYR A 401 -1.62 -13.13 6.48
C TYR A 401 -1.39 -11.62 6.30
N LEU A 402 -2.13 -11.00 5.41
CA LEU A 402 -1.82 -9.65 4.99
C LEU A 402 -2.55 -8.56 5.79
N GLY A 403 -3.58 -8.93 6.54
CA GLY A 403 -4.24 -7.90 7.37
C GLY A 403 -5.16 -7.00 6.58
N GLU A 404 -5.49 -5.85 7.13
CA GLU A 404 -6.56 -5.02 6.62
C GLU A 404 -6.08 -3.87 5.67
N ASP A 405 -4.88 -3.40 5.89
CA ASP A 405 -4.35 -2.29 5.09
C ASP A 405 -3.53 -2.88 4.01
N VAL A 406 -4.16 -3.20 2.90
CA VAL A 406 -3.46 -3.80 1.78
C VAL A 406 -4.38 -3.64 0.58
N VAL A 407 -3.83 -3.59 -0.62
CA VAL A 407 -4.63 -3.57 -1.85
C VAL A 407 -4.42 -4.96 -2.45
N LEU A 408 -5.50 -5.72 -2.57
CA LEU A 408 -5.45 -7.05 -3.11
C LEU A 408 -5.69 -6.91 -4.62
N GLN A 409 -4.70 -7.29 -5.41
CA GLN A 409 -4.83 -7.08 -6.85
C GLN A 409 -5.06 -8.38 -7.56
N PHE A 410 -6.23 -8.50 -8.16
CA PHE A 410 -6.57 -9.67 -8.92
C PHE A 410 -6.15 -9.51 -10.39
N GLY A 411 -6.33 -10.54 -11.17
CA GLY A 411 -5.80 -10.46 -12.54
C GLY A 411 -6.74 -11.16 -13.44
N GLY A 412 -6.38 -12.36 -13.86
CA GLY A 412 -7.32 -13.22 -14.63
C GLY A 412 -8.43 -13.65 -13.69
N GLY A 413 -8.21 -13.38 -12.39
CA GLY A 413 -9.19 -13.62 -11.34
C GLY A 413 -10.49 -12.85 -11.62
N THR A 414 -10.35 -11.69 -12.22
CA THR A 414 -11.47 -10.82 -12.44
C THR A 414 -11.89 -10.86 -13.91
N ILE A 415 -10.96 -10.61 -14.81
CA ILE A 415 -11.34 -10.32 -16.19
C ILE A 415 -11.88 -11.56 -16.90
N GLY A 416 -11.37 -12.73 -16.52
CA GLY A 416 -11.85 -13.96 -17.15
C GLY A 416 -12.92 -14.75 -16.40
N HIS A 417 -13.79 -14.06 -15.67
CA HIS A 417 -14.98 -14.68 -15.12
C HIS A 417 -15.86 -15.03 -16.33
N PRO A 418 -16.40 -16.29 -16.39
CA PRO A 418 -17.30 -16.69 -17.46
C PRO A 418 -18.49 -15.80 -17.61
N ASP A 419 -18.98 -15.24 -16.51
CA ASP A 419 -20.13 -14.34 -16.62
C ASP A 419 -19.77 -12.89 -17.00
N GLY A 420 -18.51 -12.59 -17.25
CA GLY A 420 -18.18 -11.16 -17.56
C GLY A 420 -17.31 -10.44 -16.50
N ILE A 421 -16.73 -9.30 -16.90
CA ILE A 421 -15.83 -8.56 -16.03
C ILE A 421 -16.56 -8.06 -14.75
N GLN A 422 -17.78 -7.55 -14.87
CA GLN A 422 -18.50 -7.06 -13.74
C GLN A 422 -18.71 -8.17 -12.72
N SER A 423 -19.12 -9.33 -13.20
CA SER A 423 -19.25 -10.50 -12.32
C SER A 423 -17.92 -10.89 -11.64
N GLY A 424 -16.80 -10.85 -12.38
CA GLY A 424 -15.50 -11.17 -11.81
C GLY A 424 -15.21 -10.24 -10.63
N ALA A 425 -15.44 -8.94 -10.84
CA ALA A 425 -15.24 -7.96 -9.82
C ALA A 425 -16.14 -8.21 -8.64
N THR A 426 -17.43 -8.37 -8.87
CA THR A 426 -18.35 -8.59 -7.75
C THR A 426 -18.01 -9.81 -6.87
N ALA A 427 -17.58 -10.90 -7.51
CA ALA A 427 -17.28 -12.07 -6.75
C ALA A 427 -16.16 -11.78 -5.74
N ASN A 428 -15.11 -11.12 -6.19
CA ASN A 428 -14.00 -10.68 -5.30
C ASN A 428 -14.40 -9.79 -4.13
N ARG A 429 -15.32 -8.86 -4.39
CA ARG A 429 -15.73 -7.85 -3.44
C ARG A 429 -16.61 -8.52 -2.36
N VAL A 430 -17.51 -9.42 -2.81
CA VAL A 430 -18.41 -10.14 -1.89
C VAL A 430 -17.57 -11.01 -0.92
N ALA A 431 -16.56 -11.72 -1.47
CA ALA A 431 -15.70 -12.60 -0.69
C ALA A 431 -14.92 -11.81 0.34
N LEU A 432 -14.36 -10.70 -0.10
CA LEU A 432 -13.60 -9.83 0.76
C LEU A 432 -14.45 -9.39 1.91
N GLU A 433 -15.65 -8.84 1.63
CA GLU A 433 -16.46 -8.24 2.68
C GLU A 433 -16.97 -9.28 3.68
N ALA A 434 -17.37 -10.42 3.16
CA ALA A 434 -17.83 -11.54 3.97
C ALA A 434 -16.72 -12.03 4.90
N MET A 435 -15.47 -12.01 4.42
CA MET A 435 -14.36 -12.42 5.26
C MET A 435 -14.07 -11.44 6.39
N ILE A 436 -14.07 -10.14 6.06
CA ILE A 436 -13.88 -9.10 7.07
C ILE A 436 -15.03 -9.12 8.07
N LEU A 437 -16.28 -9.27 7.58
CA LEU A 437 -17.41 -9.37 8.49
C LEU A 437 -17.20 -10.54 9.46
N ALA A 438 -16.84 -11.68 8.92
CA ALA A 438 -16.54 -12.82 9.77
C ALA A 438 -15.41 -12.53 10.77
N ARG A 439 -14.29 -11.97 10.31
CA ARG A 439 -13.21 -11.63 11.23
C ARG A 439 -13.72 -10.76 12.34
N ASN A 440 -14.53 -9.76 12.01
CA ASN A 440 -14.95 -8.84 13.07
C ASN A 440 -15.96 -9.48 14.01
N GLU A 441 -16.63 -10.56 13.54
CA GLU A 441 -17.52 -11.35 14.41
C GLU A 441 -16.67 -12.28 15.32
N ASN A 442 -15.36 -12.26 15.13
CA ASN A 442 -14.58 -13.13 15.90
C ASN A 442 -14.80 -14.59 15.56
N ARG A 443 -15.30 -14.91 14.36
CA ARG A 443 -15.23 -16.31 13.94
C ARG A 443 -13.79 -16.68 13.72
N ASP A 444 -13.45 -17.97 13.88
CA ASP A 444 -12.14 -18.47 13.53
C ASP A 444 -12.03 -18.56 12.01
N PHE A 445 -11.83 -17.41 11.36
CA PHE A 445 -11.97 -17.37 9.91
C PHE A 445 -10.91 -18.16 9.15
N LEU A 446 -9.81 -18.47 9.81
CA LEU A 446 -8.79 -19.15 9.05
C LEU A 446 -9.19 -20.62 8.81
N THR A 447 -9.61 -21.26 9.90
CA THR A 447 -10.23 -22.58 10.00
C THR A 447 -11.59 -22.63 9.30
N GLU A 448 -12.45 -21.67 9.56
CA GLU A 448 -13.78 -21.70 9.01
C GLU A 448 -13.90 -21.06 7.62
N GLY A 449 -12.78 -20.56 7.05
CA GLY A 449 -12.86 -19.74 5.83
C GLY A 449 -13.59 -20.35 4.63
N PRO A 450 -13.27 -21.62 4.29
CA PRO A 450 -13.97 -22.17 3.11
C PRO A 450 -15.49 -22.19 3.32
N GLU A 451 -15.91 -22.39 4.56
CA GLU A 451 -17.32 -22.44 4.80
C GLU A 451 -17.92 -21.03 4.73
N ILE A 452 -17.27 -20.07 5.37
CA ILE A 452 -17.64 -18.67 5.24
C ILE A 452 -17.81 -18.25 3.74
N LEU A 453 -16.86 -18.65 2.88
CA LEU A 453 -17.03 -18.42 1.44
C LEU A 453 -18.31 -19.04 0.88
N ARG A 454 -18.50 -20.32 1.18
CA ARG A 454 -19.70 -21.06 0.74
C ARG A 454 -21.02 -20.37 1.15
N GLU A 455 -21.05 -19.72 2.32
CA GLU A 455 -22.32 -19.13 2.84
C GLU A 455 -22.56 -17.86 2.05
N ALA A 456 -21.49 -17.09 1.86
CA ALA A 456 -21.58 -15.92 0.99
C ALA A 456 -21.99 -16.31 -0.44
N ALA A 457 -21.47 -17.43 -0.98
CA ALA A 457 -21.78 -17.78 -2.35
C ALA A 457 -23.24 -18.20 -2.49
N LYS A 458 -23.92 -18.42 -1.35
CA LYS A 458 -25.28 -18.94 -1.39
C LYS A 458 -26.13 -17.83 -1.91
N ASN A 459 -25.75 -16.61 -1.55
CA ASN A 459 -26.47 -15.42 -1.93
C ASN A 459 -25.83 -14.75 -3.12
N SNC A 460 -24.79 -15.35 -3.71
CA SNC A 460 -24.09 -14.68 -4.79
CB SNC A 460 -23.04 -13.78 -4.15
SG SNC A 460 -22.38 -12.68 -5.35
ND SNC A 460 -23.52 -11.68 -5.99
OE SNC A 460 -23.98 -10.73 -5.34
C SNC A 460 -23.59 -15.59 -5.87
O SNC A 460 -22.52 -16.23 -5.77
N GLY A 461 -24.38 -15.67 -6.94
CA GLY A 461 -24.06 -16.56 -8.05
C GLY A 461 -22.67 -16.41 -8.63
N ALA A 462 -22.30 -15.15 -8.84
CA ALA A 462 -20.99 -14.77 -9.42
C ALA A 462 -19.88 -15.40 -8.60
N LEU A 463 -20.01 -15.33 -7.28
CA LEU A 463 -19.05 -15.95 -6.37
C LEU A 463 -19.11 -17.49 -6.36
N ARG A 464 -20.31 -18.08 -6.45
CA ARG A 464 -20.38 -19.54 -6.58
C ARG A 464 -19.62 -20.02 -7.83
N THR A 465 -19.93 -19.41 -8.97
CA THR A 465 -19.17 -19.67 -10.20
C THR A 465 -17.65 -19.54 -10.06
N ALA A 466 -17.20 -18.48 -9.39
CA ALA A 466 -15.75 -18.33 -9.13
C ALA A 466 -15.17 -19.45 -8.23
N LEU A 467 -15.90 -19.88 -7.21
CA LEU A 467 -15.36 -20.89 -6.33
C LEU A 467 -15.25 -22.19 -7.11
N ASP A 468 -16.33 -22.55 -7.79
CA ASP A 468 -16.34 -23.79 -8.58
C ASP A 468 -15.20 -23.79 -9.55
N LEU A 469 -14.94 -22.64 -10.13
CA LEU A 469 -14.01 -22.54 -11.20
C LEU A 469 -12.60 -22.60 -10.68
N TRP A 470 -12.34 -22.16 -9.45
CA TRP A 470 -10.94 -22.09 -9.02
C TRP A 470 -10.62 -22.85 -7.75
N LYS A 471 -11.33 -23.96 -7.56
CA LYS A 471 -11.11 -24.83 -6.40
C LYS A 471 -9.82 -25.66 -6.46
N ASP A 472 -9.52 -26.23 -7.62
CA ASP A 472 -8.34 -27.11 -7.74
C ASP A 472 -7.08 -26.36 -8.21
N ILE A 473 -7.10 -25.02 -8.09
CA ILE A 473 -6.05 -24.17 -8.66
C ILE A 473 -4.66 -24.51 -8.11
N THR A 474 -3.84 -25.11 -8.99
CA THR A 474 -2.49 -25.62 -8.67
C THR A 474 -1.38 -24.90 -9.47
N MET B 1 -30.62 1.62 -8.10
CA MET B 1 -29.27 1.10 -7.84
C MET B 1 -28.98 1.04 -6.36
N ARG B 2 -27.90 0.37 -6.03
CA ARG B 2 -27.52 0.20 -4.64
C ARG B 2 -26.23 0.95 -4.44
N ILE B 3 -26.23 1.89 -3.53
CA ILE B 3 -25.03 2.69 -3.31
C ILE B 3 -24.00 1.86 -2.53
N THR B 4 -22.73 1.78 -2.98
CA THR B 4 -21.83 0.90 -2.27
C THR B 4 -20.70 1.57 -1.51
N GLN B 5 -20.92 2.79 -1.01
CA GLN B 5 -20.13 3.34 0.11
C GLN B 5 -20.33 2.40 1.30
N GLY B 6 -19.37 2.29 2.21
CA GLY B 6 -19.57 1.50 3.43
C GLY B 6 -18.76 0.22 3.38
N THR B 7 -18.31 -0.28 4.52
CA THR B 7 -17.47 -1.48 4.54
C THR B 7 -18.20 -2.77 4.09
N PHE B 8 -19.52 -2.85 4.24
CA PHE B 8 -20.17 -4.14 3.93
C PHE B 8 -21.32 -4.08 2.95
N SER B 9 -21.26 -3.07 2.11
CA SER B 9 -22.37 -2.80 1.23
C SER B 9 -22.54 -3.79 0.14
N PHE B 10 -21.52 -4.60 -0.15
CA PHE B 10 -21.73 -5.73 -1.11
C PHE B 10 -22.34 -6.95 -0.47
N LEU B 11 -22.48 -6.92 0.85
CA LEU B 11 -23.29 -7.92 1.54
C LEU B 11 -24.80 -7.48 1.58
N PRO B 12 -25.73 -8.43 1.86
CA PRO B 12 -27.11 -8.05 2.20
C PRO B 12 -27.10 -7.07 3.37
N ASP B 13 -28.07 -6.16 3.44
CA ASP B 13 -28.21 -5.29 4.62
C ASP B 13 -28.11 -6.09 5.94
N LEU B 14 -27.38 -5.56 6.92
CA LEU B 14 -27.05 -6.30 8.14
C LEU B 14 -28.26 -6.52 8.99
N THR B 15 -28.38 -7.66 9.69
CA THR B 15 -29.49 -7.76 10.66
C THR B 15 -29.08 -7.03 11.93
N ASP B 16 -30.01 -6.79 12.85
CA ASP B 16 -29.60 -6.21 14.13
C ASP B 16 -28.62 -7.09 14.92
N GLU B 17 -28.72 -8.42 14.76
CA GLU B 17 -27.76 -9.33 15.36
C GLU B 17 -26.34 -9.05 14.81
N GLN B 18 -26.23 -8.94 13.49
CA GLN B 18 -24.99 -8.58 12.82
C GLN B 18 -24.44 -7.24 13.28
N ILE B 19 -25.30 -6.24 13.47
CA ILE B 19 -24.84 -4.93 13.80
C ILE B 19 -24.22 -5.01 15.20
N LYS B 20 -24.91 -5.73 16.06
CA LYS B 20 -24.52 -5.85 17.42
C LYS B 20 -23.10 -6.45 17.50
N LYS B 21 -22.77 -7.42 16.64
CA LYS B 21 -21.48 -8.02 16.68
C LYS B 21 -20.40 -7.04 16.15
N GLN B 22 -20.74 -6.18 15.17
CA GLN B 22 -19.85 -5.10 14.78
C GLN B 22 -19.63 -4.07 15.91
N ILE B 23 -20.64 -3.74 16.70
CA ILE B 23 -20.40 -2.87 17.86
C ILE B 23 -19.41 -3.53 18.85
N ASP B 24 -19.63 -4.82 19.17
CA ASP B 24 -18.65 -5.57 19.96
C ASP B 24 -17.20 -5.38 19.44
N TYR B 25 -17.00 -5.49 18.13
CA TYR B 25 -15.66 -5.38 17.61
C TYR B 25 -15.13 -3.95 17.90
N MET B 26 -15.95 -2.96 17.54
CA MET B 26 -15.58 -1.56 17.78
C MET B 26 -15.17 -1.31 19.24
N ILE B 27 -15.92 -1.92 20.15
CA ILE B 27 -15.70 -1.73 21.57
C ILE B 27 -14.39 -2.38 21.94
N SER B 28 -14.13 -3.55 21.39
CA SER B 28 -12.92 -4.27 21.74
C SER B 28 -11.75 -3.46 21.20
N LYS B 29 -11.97 -2.63 20.18
CA LYS B 29 -10.92 -1.81 19.57
C LYS B 29 -10.82 -0.45 20.24
N LYS B 30 -11.69 -0.21 21.19
CA LYS B 30 -11.65 1.00 21.94
C LYS B 30 -12.03 2.21 21.10
N LEU B 31 -12.92 2.03 20.12
CA LEU B 31 -13.30 3.16 19.25
C LEU B 31 -14.37 4.11 19.85
N ALA B 32 -14.34 5.41 19.54
CA ALA B 32 -15.53 6.25 19.71
C ALA B 32 -16.56 5.87 18.62
N ILE B 33 -17.85 5.85 18.92
CA ILE B 33 -18.82 5.36 17.94
C ILE B 33 -19.81 6.46 17.57
N GLY B 34 -19.88 6.80 16.27
CA GLY B 34 -20.75 7.84 15.79
C GLY B 34 -21.83 7.32 14.85
N ILE B 35 -23.01 7.91 14.94
CA ILE B 35 -24.12 7.54 14.08
C ILE B 35 -24.39 8.80 13.22
N GLU B 36 -24.38 8.67 11.89
CA GLU B 36 -24.49 9.85 11.00
C GLU B 36 -25.48 9.53 9.88
N TYR B 37 -26.15 10.53 9.39
CA TYR B 37 -27.20 10.29 8.42
C TYR B 37 -27.21 11.31 7.29
N THR B 38 -27.69 10.95 6.11
CA THR B 38 -27.66 11.96 5.06
C THR B 38 -28.67 11.60 4.01
N ASN B 39 -29.15 12.58 3.26
CA ASN B 39 -29.93 12.29 2.05
C ASN B 39 -29.31 13.02 0.80
N ASP B 40 -28.04 13.44 0.87
CA ASP B 40 -27.27 13.73 -0.36
C ASP B 40 -26.20 12.63 -0.43
N ILE B 41 -26.48 11.56 -1.16
CA ILE B 41 -25.54 10.39 -1.15
C ILE B 41 -24.24 10.56 -2.05
N HIS B 42 -23.95 11.80 -2.47
CA HIS B 42 -22.73 12.05 -3.26
C HIS B 42 -21.53 11.48 -2.49
N PRO B 43 -20.64 10.82 -3.21
CA PRO B 43 -19.45 10.24 -2.60
C PRO B 43 -18.45 11.23 -2.08
N ARG B 44 -18.59 12.52 -2.44
CA ARG B 44 -17.70 13.51 -1.90
C ARG B 44 -18.40 14.36 -0.82
N ASN B 45 -19.61 13.97 -0.41
CA ASN B 45 -20.33 14.60 0.70
C ASN B 45 -19.74 14.07 1.99
N SER B 46 -18.66 14.70 2.41
CA SER B 46 -17.83 14.16 3.46
C SER B 46 -18.47 14.28 4.86
N PHE B 47 -19.39 15.22 5.00
CA PHE B 47 -19.95 15.61 6.29
C PHE B 47 -21.43 15.29 6.28
N TRP B 48 -21.75 14.03 6.54
CA TRP B 48 -23.14 13.69 6.85
C TRP B 48 -23.60 14.33 8.14
N GLU B 49 -24.89 14.33 8.39
CA GLU B 49 -25.41 14.93 9.61
C GLU B 49 -25.15 14.00 10.80
N MET B 50 -24.92 14.59 11.96
CA MET B 50 -24.59 13.84 13.17
C MET B 50 -25.88 13.52 13.93
N TRP B 51 -26.08 12.28 14.35
CA TRP B 51 -27.20 11.95 15.22
C TRP B 51 -26.68 12.00 16.65
N GLY B 52 -26.90 13.14 17.33
CA GLY B 52 -26.19 13.34 18.63
C GLY B 52 -24.65 13.26 18.55
N LEU B 53 -23.99 13.06 19.68
CA LEU B 53 -22.52 13.12 19.77
C LEU B 53 -22.00 11.68 19.68
N PRO B 54 -20.74 11.48 19.23
CA PRO B 54 -20.22 10.09 19.30
C PRO B 54 -20.31 9.50 20.74
N LEU B 55 -20.32 8.18 20.91
CA LEU B 55 -20.47 7.64 22.25
C LEU B 55 -19.08 7.20 22.58
N PHE B 56 -18.51 7.62 23.72
CA PHE B 56 -17.16 7.16 24.10
C PHE B 56 -17.17 6.15 25.24
N GLU B 57 -16.13 5.35 25.38
CA GLU B 57 -16.07 4.44 26.54
C GLU B 57 -17.28 3.53 26.67
N VAL B 58 -17.93 3.20 25.55
CA VAL B 58 -19.10 2.30 25.55
C VAL B 58 -18.65 0.91 26.02
N THR B 59 -19.47 0.18 26.78
CA THR B 59 -18.99 -1.11 27.27
C THR B 59 -20.00 -2.19 26.98
N ASP B 60 -21.12 -1.81 26.38
CA ASP B 60 -22.20 -2.72 26.08
C ASP B 60 -22.86 -2.25 24.77
N PRO B 61 -23.11 -3.16 23.84
CA PRO B 61 -23.69 -2.66 22.58
C PRO B 61 -25.08 -2.02 22.68
N ALA B 62 -25.80 -2.22 23.80
CA ALA B 62 -27.23 -1.81 23.96
C ALA B 62 -27.56 -0.34 23.67
N PRO B 63 -26.84 0.58 24.33
CA PRO B 63 -27.08 2.00 24.15
C PRO B 63 -26.83 2.42 22.69
N VAL B 64 -25.85 1.80 22.07
CA VAL B 64 -25.55 2.09 20.69
C VAL B 64 -26.73 1.61 19.79
N LEU B 65 -27.17 0.36 19.96
CA LEU B 65 -28.29 -0.13 19.18
C LEU B 65 -29.55 0.68 19.41
N PHE B 66 -29.67 1.26 20.59
CA PHE B 66 -30.86 1.99 20.86
C PHE B 66 -30.90 3.26 20.07
N GLU B 67 -29.77 3.99 20.06
CA GLU B 67 -29.63 5.16 19.21
C GLU B 67 -29.75 4.85 17.74
N ILE B 68 -29.21 3.74 17.29
CA ILE B 68 -29.33 3.37 15.87
C ILE B 68 -30.82 3.25 15.50
N ASN B 69 -31.57 2.65 16.38
CA ASN B 69 -32.99 2.44 16.15
C ASN B 69 -33.81 3.69 16.31
N ALA B 70 -33.44 4.51 17.28
CA ALA B 70 -33.98 5.84 17.38
C ALA B 70 -33.68 6.65 16.07
N CYS B 71 -32.45 6.54 15.55
CA CYS B 71 -32.17 7.28 14.29
C CYS B 71 -33.04 6.75 13.12
N ARG B 72 -33.12 5.43 12.98
CA ARG B 72 -33.94 4.81 11.93
C ARG B 72 -35.38 5.28 11.99
N LYS B 73 -35.94 5.45 13.20
CA LYS B 73 -37.34 5.86 13.24
C LYS B 73 -37.48 7.30 12.82
N ALA B 74 -36.59 8.17 13.32
CA ALA B 74 -36.73 9.57 13.03
C ALA B 74 -36.35 9.85 11.60
N LYS B 75 -35.46 9.03 11.00
CA LYS B 75 -34.87 9.34 9.70
C LYS B 75 -34.97 8.15 8.74
N SER B 76 -36.15 7.53 8.65
CA SER B 76 -36.21 6.22 8.06
C SER B 76 -35.87 6.28 6.60
N ASN B 77 -36.11 7.42 5.97
CA ASN B 77 -35.80 7.57 4.53
C ASN B 77 -34.53 8.39 4.20
N PHE B 78 -33.54 8.20 5.05
CA PHE B 78 -32.20 8.73 4.91
C PHE B 78 -31.29 7.52 4.91
N TYR B 79 -30.11 7.64 4.31
CA TYR B 79 -28.98 6.70 4.61
C TYR B 79 -28.50 7.04 5.97
N ILE B 80 -28.08 6.00 6.72
CA ILE B 80 -27.57 6.12 8.11
C ILE B 80 -26.41 5.17 8.17
N LYS B 81 -25.31 5.65 8.74
CA LYS B 81 -24.15 4.84 8.92
C LYS B 81 -23.58 4.89 10.31
N VAL B 82 -22.81 3.86 10.62
CA VAL B 82 -22.15 3.85 11.92
C VAL B 82 -20.70 4.00 11.67
N VAL B 83 -20.01 4.79 12.48
CA VAL B 83 -18.63 5.12 12.15
C VAL B 83 -17.80 4.86 13.39
N GLY B 84 -16.62 4.24 13.27
CA GLY B 84 -15.79 4.04 14.48
C GLY B 84 -14.50 4.78 14.29
N PHE B 85 -14.22 5.70 15.23
CA PHE B 85 -13.06 6.59 15.19
C PHE B 85 -12.04 6.03 16.15
N SER B 86 -10.81 5.82 15.63
CA SER B 86 -9.67 5.42 16.45
C SER B 86 -8.86 6.65 16.84
N SER B 87 -8.43 6.68 18.11
CA SER B 87 -7.67 7.81 18.59
C SER B 87 -6.25 7.38 18.77
N GLU B 88 -5.92 6.22 18.21
CA GLU B 88 -4.58 5.73 18.30
C GLU B 88 -3.62 6.65 17.53
N ARG B 89 -2.52 7.09 18.16
CA ARG B 89 -1.56 8.01 17.53
C ARG B 89 -1.13 7.51 16.18
N GLY B 90 -1.08 8.39 15.20
CA GLY B 90 -0.72 7.94 13.88
C GLY B 90 -1.90 7.41 13.08
N ILE B 91 -3.06 7.20 13.74
CA ILE B 91 -4.27 6.82 12.99
C ILE B 91 -5.18 8.00 13.16
N GLU B 92 -5.75 8.13 14.33
CA GLU B 92 -6.58 9.30 14.62
C GLU B 92 -7.57 9.65 13.49
N SER B 93 -8.42 8.69 13.19
CA SER B 93 -9.24 8.77 12.01
C SER B 93 -10.28 7.68 12.11
N THR B 94 -11.17 7.65 11.11
CA THR B 94 -12.05 6.51 10.91
C THR B 94 -11.32 5.21 10.58
N ILE B 95 -11.70 4.10 11.22
CA ILE B 95 -11.23 2.81 10.82
C ILE B 95 -12.35 1.83 10.41
N ILE B 96 -13.62 2.25 10.47
CA ILE B 96 -14.69 1.42 9.96
C ILE B 96 -15.90 2.33 9.81
N SER B 97 -16.70 2.07 8.79
CA SER B 97 -17.93 2.91 8.48
C SER B 97 -18.88 2.08 7.60
N PHE B 98 -20.06 1.72 8.13
CA PHE B 98 -20.96 0.89 7.33
C PHE B 98 -22.41 1.37 7.46
N ILE B 99 -23.14 1.07 6.41
CA ILE B 99 -24.49 1.47 6.28
C ILE B 99 -25.40 0.54 7.11
N VAL B 100 -26.30 1.18 7.87
CA VAL B 100 -27.33 0.48 8.70
C VAL B 100 -28.75 0.91 8.34
N ASN B 101 -28.87 1.85 7.44
CA ASN B 101 -30.19 2.12 6.85
C ASN B 101 -30.08 2.72 5.47
N ARG B 102 -30.89 2.22 4.53
CA ARG B 102 -31.00 2.82 3.18
C ARG B 102 -32.42 3.26 2.91
N PRO B 103 -32.62 4.33 2.14
CA PRO B 103 -33.98 4.61 1.70
C PRO B 103 -34.53 3.47 0.81
N LYS B 104 -35.85 3.44 0.54
CA LYS B 104 -36.44 2.25 -0.09
C LYS B 104 -36.10 2.16 -1.55
N HIS B 105 -35.92 3.31 -2.19
CA HIS B 105 -35.50 3.23 -3.60
C HIS B 105 -34.40 4.25 -3.81
N GLU B 106 -33.30 3.82 -4.41
CA GLU B 106 -32.21 4.74 -4.82
C GLU B 106 -32.19 4.97 -6.35
N PRO B 107 -32.56 6.16 -6.83
CA PRO B 107 -32.49 6.41 -8.28
C PRO B 107 -31.06 6.63 -8.83
N GLY B 108 -30.10 7.02 -7.98
CA GLY B 108 -28.71 7.09 -8.45
C GLY B 108 -28.32 8.52 -8.87
N PHE B 109 -27.48 8.62 -9.89
CA PHE B 109 -26.72 9.85 -10.17
C PHE B 109 -26.80 10.31 -11.59
N ASN B 110 -26.92 11.62 -11.80
CA ASN B 110 -26.80 12.18 -13.13
C ASN B 110 -25.31 12.41 -13.36
N LEU B 111 -24.83 12.12 -14.57
CA LEU B 111 -23.44 12.45 -14.96
C LEU B 111 -23.46 13.63 -15.97
N ILE B 112 -22.79 14.72 -15.59
CA ILE B 112 -22.75 15.97 -16.39
C ILE B 112 -21.37 16.13 -17.03
N ARG B 113 -21.30 16.39 -18.33
CA ARG B 113 -20.01 16.49 -19.03
C ARG B 113 -19.90 17.90 -19.61
N GLN B 114 -19.03 18.72 -19.04
CA GLN B 114 -18.86 20.07 -19.58
C GLN B 114 -17.63 19.96 -20.47
N GLU B 115 -17.79 20.34 -21.73
CA GLU B 115 -16.69 20.21 -22.71
C GLU B 115 -15.74 21.37 -22.57
N ASP B 116 -14.47 21.04 -22.41
CA ASP B 116 -13.48 22.05 -22.08
C ASP B 116 -12.39 22.10 -23.20
N LYS B 117 -11.12 22.23 -22.87
CA LYS B 117 -10.22 22.39 -24.05
C LYS B 117 -9.98 21.13 -24.83
N SER B 118 -9.72 21.25 -26.14
CA SER B 118 -9.55 20.06 -27.01
C SER B 118 -10.63 19.09 -26.69
N ARG B 119 -10.24 17.88 -26.29
CA ARG B 119 -11.15 16.75 -26.01
C ARG B 119 -11.44 16.59 -24.51
N SER B 120 -10.86 17.45 -23.66
CA SER B 120 -11.08 17.21 -22.21
C SER B 120 -12.51 17.50 -21.77
N ILE B 121 -12.96 16.89 -20.65
CA ILE B 121 -14.26 17.17 -20.14
C ILE B 121 -14.12 17.46 -18.61
N LYS B 122 -14.94 18.34 -18.07
CA LYS B 122 -15.02 18.56 -16.65
C LYS B 122 -16.33 17.88 -16.23
N TYR B 123 -16.25 16.89 -15.35
CA TYR B 123 -17.40 16.07 -14.92
C TYR B 123 -17.96 16.55 -13.62
N SER B 124 -19.29 16.55 -13.54
CA SER B 124 -19.94 16.49 -12.25
C SER B 124 -20.89 15.27 -12.19
N ILE B 125 -21.10 14.86 -10.95
CA ILE B 125 -22.04 13.84 -10.61
C ILE B 125 -23.00 14.48 -9.63
N GLN B 126 -24.29 14.22 -9.81
CA GLN B 126 -25.31 14.84 -8.97
C GLN B 126 -26.39 13.81 -8.64
N ALA B 127 -26.66 13.57 -7.36
CA ALA B 127 -27.65 12.56 -7.07
C ALA B 127 -29.03 13.06 -7.49
N TYR B 128 -29.83 12.20 -8.11
CA TYR B 128 -31.14 12.66 -8.54
C TYR B 128 -31.98 13.20 -7.41
N GLU B 129 -31.91 12.58 -6.23
CA GLU B 129 -32.79 13.13 -5.18
C GLU B 129 -32.41 14.56 -4.82
N THR B 130 -31.20 14.99 -5.15
CA THR B 130 -30.83 16.34 -4.69
C THR B 130 -31.32 17.39 -5.67
N TYR B 131 -31.95 16.97 -6.78
CA TYR B 131 -32.69 17.95 -7.49
C TYR B 131 -33.95 18.35 -6.72
N LYS B 132 -34.23 17.70 -5.58
CA LYS B 132 -35.41 18.06 -4.73
C LYS B 132 -34.93 18.67 -3.43
N PRO B 133 -35.75 19.54 -2.76
CA PRO B 133 -35.37 20.01 -1.41
C PRO B 133 -35.23 18.84 -0.42
N GLU B 134 -34.35 18.98 0.57
CA GLU B 134 -34.15 17.96 1.63
C GLU B 134 -35.42 17.32 2.16
N ASP B 135 -36.45 18.14 2.40
CA ASP B 135 -37.57 17.62 3.13
C ASP B 135 -38.43 16.85 2.16
N GLN B 136 -38.09 16.86 0.87
CA GLN B 136 -38.82 16.02 -0.10
C GLN B 136 -38.09 14.85 -0.71
N ARG B 137 -36.91 14.49 -0.25
CA ARG B 137 -36.24 13.37 -0.94
C ARG B 137 -36.73 12.04 -0.43
N TYR B 138 -36.60 11.03 -1.32
CA TYR B 138 -36.80 9.62 -1.01
C TYR B 138 -38.12 9.38 -0.36
O1 OXY C . -0.22 -6.39 -10.87
O2 OXY C . 0.80 -6.19 -11.23
P PO4 D . 9.65 -8.13 -9.52
O1 PO4 D . 8.47 -8.72 -8.78
O2 PO4 D . 10.56 -9.22 -10.02
O3 PO4 D . 9.20 -7.34 -10.72
O4 PO4 D . 10.37 -7.17 -8.59
P PO4 E . -3.00 -11.83 -12.14
O1 PO4 E . -1.81 -12.52 -11.51
O2 PO4 E . -3.36 -12.49 -13.46
O3 PO4 E . -4.18 -12.00 -11.20
O4 PO4 E . -2.68 -10.39 -12.37
#